data_7M0A
#
_entry.id   7M0A
#
_cell.length_a   55.768
_cell.length_b   59.573
_cell.length_c   140.726
_cell.angle_alpha   90.000
_cell.angle_beta   90.000
_cell.angle_gamma   90.000
#
_symmetry.space_group_name_H-M   'P 21 21 21'
#
loop_
_entity.id
_entity.type
_entity.pdbx_description
1 polymer 'DNA polymerase lambda'
2 polymer "DNA (5'-D(*CP*GP*GP*CP*A)-3')"
3 polymer "DNA (5'-D(*CP*AP*GP*TP*GP*CP*T)-3')"
4 polymer "DNA (5'-D(P*GP*CP*CP*G)-3')"
5 polymer "DNA (5'-D(*GP*CP*AP*CP*TP*G)-3')"
6 non-polymer "THYMIDINE-5'-TRIPHOSPHATE"
7 non-polymer PYROPHOSPHATE
8 non-polymer 'MAGNESIUM ION'
9 non-polymer 'CALCIUM ION'
10 non-polymer 'SODIUM ION'
11 non-polymer 'CHLORIDE ION'
12 non-polymer GLYCEROL
13 water water
#
loop_
_entity_poly.entity_id
_entity_poly.type
_entity_poly.pdbx_seq_one_letter_code
_entity_poly.pdbx_strand_id
1 'polypeptide(L)'
;GSAAAVLDKWVCAQPSSQKATNHNLHITEKLEVLAKAYSVQGDKWRALGYAKAINALKSFHKPVTSYQEACSIPGIGKRM
AEKIIEILESGHLRKLDHISESVPVLELFSNIWGAGTKTAQMWYQQGFRSLEDIRSQASLTTQQAIGLKHYSDFLERMPR
EEATEIEQTVQKAAQAFNSGLLCVACGSYRRGKATCGDVDVLITHPDGRSHRGIFSRLLDSLRQEGFLTDDLVSQEENGQ
QQKYLGVCRLPGPGRRHRRLDIIVVPYSEFACALLYFTGSAHFNRSMRALAKTKGMSLSEHALSTAVVRNTHGCKVGPGR
VLPTPTEKDVFRLLGLPYREPAERDW
;
A
2 'polydeoxyribonucleotide' (DC)(DG)(DG)(DC)(DA) T
3 'polydeoxyribonucleotide' (DC)(DA)(DG)(DT)(DG)(DC)(DT) P
4 'polydeoxyribonucleotide' (DG)(DC)(DC)(DG) D
5 'polydeoxyribonucleotide' (DG)(DC)(DA)(DC)(DT)(DG) U
#
# COMPACT_ATOMS: atom_id res chain seq x y z
N LEU A 7 -22.49 -9.10 5.23
CA LEU A 7 -21.09 -9.49 5.36
C LEU A 7 -20.50 -9.91 4.00
N ASP A 8 -21.35 -10.51 3.16
CA ASP A 8 -20.97 -10.80 1.78
C ASP A 8 -20.49 -9.55 1.04
N LYS A 9 -20.97 -8.38 1.44
CA LYS A 9 -20.58 -7.14 0.79
C LYS A 9 -19.15 -6.70 1.15
N TRP A 10 -18.57 -7.24 2.20
CA TRP A 10 -17.36 -6.65 2.80
C TRP A 10 -16.19 -7.58 2.56
N VAL A 11 -15.20 -7.12 1.81
CA VAL A 11 -14.05 -7.99 1.56
C VAL A 11 -13.32 -8.29 2.87
N CYS A 12 -13.34 -7.35 3.83
CA CYS A 12 -12.65 -7.63 5.10
C CYS A 12 -13.33 -8.71 5.90
N ALA A 13 -14.56 -9.11 5.52
CA ALA A 13 -15.28 -10.22 6.12
C ALA A 13 -15.01 -11.55 5.43
N GLN A 14 -14.11 -11.60 4.46
CA GLN A 14 -13.89 -12.76 3.61
C GLN A 14 -12.41 -13.05 3.50
N PRO A 15 -12.04 -14.32 3.32
CA PRO A 15 -10.60 -14.64 3.13
C PRO A 15 -10.16 -14.26 1.74
N SER A 16 -8.98 -13.60 1.66
CA SER A 16 -8.49 -13.17 0.37
C SER A 16 -8.11 -14.34 -0.54
N SER A 17 -7.93 -15.53 0.02
CA SER A 17 -7.64 -16.68 -0.83
C SER A 17 -8.75 -16.96 -1.82
N GLN A 18 -9.94 -16.38 -1.62
CA GLN A 18 -11.00 -16.51 -2.62
C GLN A 18 -10.54 -16.02 -3.99
N LYS A 19 -9.53 -15.11 -4.03
CA LYS A 19 -9.06 -14.58 -5.29
C LYS A 19 -8.15 -15.54 -6.07
N ALA A 20 -7.57 -16.54 -5.38
CA ALA A 20 -6.64 -17.44 -6.04
C ALA A 20 -7.31 -18.27 -7.13
N THR A 21 -8.64 -18.39 -7.10
CA THR A 21 -9.38 -19.18 -8.08
C THR A 21 -10.16 -18.30 -9.04
N ASN A 22 -9.54 -17.23 -9.51
CA ASN A 22 -10.20 -16.28 -10.41
C ASN A 22 -10.79 -16.99 -11.62
N HIS A 23 -12.12 -17.07 -11.67
CA HIS A 23 -12.83 -17.66 -12.80
C HIS A 23 -13.18 -16.65 -13.88
N ASN A 24 -12.73 -15.40 -13.75
CA ASN A 24 -13.09 -14.33 -14.67
C ASN A 24 -11.86 -13.56 -15.13
N LEU A 25 -10.73 -14.24 -15.26
CA LEU A 25 -9.49 -13.56 -15.60
C LEU A 25 -9.59 -12.84 -16.95
N HIS A 26 -10.30 -13.43 -17.92
CA HIS A 26 -10.44 -12.79 -19.22
C HIS A 26 -11.15 -11.45 -19.13
N ILE A 27 -11.92 -11.24 -18.07
CA ILE A 27 -12.53 -9.94 -17.82
C ILE A 27 -11.62 -9.06 -17.00
N THR A 28 -11.11 -9.57 -15.87
CA THR A 28 -10.37 -8.71 -14.94
C THR A 28 -9.08 -8.20 -15.56
N GLU A 29 -8.42 -9.00 -16.41
CA GLU A 29 -7.19 -8.51 -17.00
C GLU A 29 -7.42 -7.33 -17.93
N LYS A 30 -8.62 -7.23 -18.51
CA LYS A 30 -8.95 -6.09 -19.36
C LYS A 30 -9.43 -4.90 -18.53
N LEU A 31 -10.23 -5.16 -17.50
CA LEU A 31 -10.67 -4.06 -16.62
C LEU A 31 -9.49 -3.44 -15.89
N GLU A 32 -8.43 -4.21 -15.63
CA GLU A 32 -7.29 -3.65 -14.93
C GLU A 32 -6.54 -2.64 -15.79
N VAL A 33 -6.50 -2.84 -17.11
CA VAL A 33 -5.88 -1.86 -17.99
C VAL A 33 -6.63 -0.54 -17.90
N LEU A 34 -7.96 -0.60 -17.89
N LEU A 34 -7.96 -0.59 -17.84
CA LEU A 34 -8.74 0.64 -17.80
CA LEU A 34 -8.76 0.62 -17.81
C LEU A 34 -8.60 1.27 -16.41
C LEU A 34 -8.75 1.26 -16.43
N ALA A 35 -8.66 0.46 -15.37
CA ALA A 35 -8.51 1.00 -14.02
C ALA A 35 -7.21 1.80 -13.90
N LYS A 36 -6.12 1.27 -14.43
CA LYS A 36 -4.83 1.97 -14.33
C LYS A 36 -4.84 3.25 -15.14
N ALA A 37 -5.50 3.23 -16.30
CA ALA A 37 -5.59 4.42 -17.11
C ALA A 37 -6.30 5.57 -16.38
N TYR A 38 -7.44 5.25 -15.74
CA TYR A 38 -8.14 6.26 -14.96
C TYR A 38 -7.27 6.72 -13.79
N SER A 39 -6.57 5.77 -13.17
CA SER A 39 -5.79 6.10 -11.98
C SER A 39 -4.67 7.09 -12.31
N VAL A 40 -3.89 6.82 -13.38
CA VAL A 40 -2.77 7.73 -13.65
C VAL A 40 -3.23 9.08 -14.18
N GLN A 41 -4.46 9.17 -14.74
CA GLN A 41 -5.02 10.45 -15.14
C GLN A 41 -5.66 11.21 -13.99
N GLY A 42 -5.74 10.61 -12.81
CA GLY A 42 -6.23 11.31 -11.64
C GLY A 42 -7.70 11.10 -11.31
N ASP A 43 -8.40 10.27 -12.07
CA ASP A 43 -9.81 9.97 -11.80
C ASP A 43 -9.89 8.88 -10.74
N LYS A 44 -9.58 9.28 -9.51
CA LYS A 44 -9.32 8.31 -8.45
C LYS A 44 -10.58 7.56 -8.04
N TRP A 45 -11.74 8.22 -8.09
CA TRP A 45 -12.95 7.57 -7.61
C TRP A 45 -13.45 6.59 -8.65
N ARG A 46 -13.34 6.92 -9.94
CA ARG A 46 -13.65 5.92 -10.95
C ARG A 46 -12.70 4.73 -10.88
N ALA A 47 -11.40 5.01 -10.74
CA ALA A 47 -10.44 3.93 -10.57
C ALA A 47 -10.77 3.07 -9.37
N LEU A 48 -11.21 3.69 -8.27
CA LEU A 48 -11.55 2.91 -7.08
C LEU A 48 -12.69 1.95 -7.36
N GLY A 49 -13.74 2.42 -8.03
CA GLY A 49 -14.84 1.55 -8.38
C GLY A 49 -14.39 0.37 -9.23
N TYR A 50 -13.48 0.61 -10.16
CA TYR A 50 -12.94 -0.50 -10.96
C TYR A 50 -12.17 -1.48 -10.08
N ALA A 51 -11.34 -0.96 -9.17
CA ALA A 51 -10.57 -1.84 -8.30
C ALA A 51 -11.50 -2.75 -7.49
N LYS A 52 -12.57 -2.18 -6.94
CA LYS A 52 -13.51 -2.97 -6.16
C LYS A 52 -14.24 -3.98 -7.03
N ALA A 53 -14.60 -3.58 -8.26
CA ALA A 53 -15.27 -4.51 -9.17
C ALA A 53 -14.33 -5.64 -9.54
N ILE A 54 -13.03 -5.35 -9.72
CA ILE A 54 -12.08 -6.38 -10.08
C ILE A 54 -11.94 -7.39 -8.95
N ASN A 55 -11.87 -6.92 -7.71
CA ASN A 55 -11.79 -7.84 -6.58
C ASN A 55 -13.07 -8.67 -6.46
N ALA A 56 -14.23 -8.06 -6.74
CA ALA A 56 -15.48 -8.82 -6.70
C ALA A 56 -15.49 -9.93 -7.74
N LEU A 57 -15.00 -9.63 -8.95
CA LEU A 57 -14.94 -10.65 -10.00
C LEU A 57 -13.91 -11.72 -9.68
N LYS A 58 -12.77 -11.33 -9.12
CA LYS A 58 -11.73 -12.31 -8.80
C LYS A 58 -12.20 -13.32 -7.76
N SER A 59 -13.06 -12.90 -6.83
CA SER A 59 -13.52 -13.77 -5.75
C SER A 59 -14.84 -14.47 -6.07
N PHE A 60 -15.51 -14.12 -7.16
CA PHE A 60 -16.78 -14.76 -7.48
C PHE A 60 -16.56 -16.26 -7.70
N HIS A 61 -17.58 -17.05 -7.37
CA HIS A 61 -17.43 -18.50 -7.33
C HIS A 61 -17.47 -19.16 -8.70
N LYS A 62 -17.84 -18.44 -9.75
CA LYS A 62 -17.96 -19.04 -11.08
C LYS A 62 -17.75 -17.96 -12.12
N PRO A 63 -17.55 -18.34 -13.38
CA PRO A 63 -17.56 -17.35 -14.46
C PRO A 63 -18.91 -16.65 -14.54
N VAL A 64 -18.87 -15.34 -14.68
CA VAL A 64 -20.09 -14.56 -14.90
C VAL A 64 -20.54 -14.78 -16.34
N THR A 65 -21.84 -15.06 -16.52
CA THR A 65 -22.35 -15.40 -17.85
C THR A 65 -23.60 -14.64 -18.26
N SER A 66 -24.14 -13.75 -17.40
CA SER A 66 -25.32 -13.00 -17.79
C SER A 66 -25.31 -11.63 -17.15
N TYR A 67 -26.01 -10.69 -17.81
CA TYR A 67 -26.13 -9.34 -17.30
C TYR A 67 -26.78 -9.32 -15.92
N GLN A 68 -27.86 -10.09 -15.74
CA GLN A 68 -28.54 -10.12 -14.44
C GLN A 68 -27.62 -10.69 -13.36
N GLU A 69 -26.85 -11.73 -13.69
CA GLU A 69 -25.91 -12.29 -12.73
C GLU A 69 -24.87 -11.25 -12.32
N ALA A 70 -24.27 -10.58 -13.31
CA ALA A 70 -23.27 -9.56 -13.02
C ALA A 70 -23.84 -8.50 -12.07
N CYS A 71 -25.02 -7.96 -12.38
CA CYS A 71 -25.58 -6.88 -11.59
C CYS A 71 -25.81 -7.30 -10.14
N SER A 72 -26.07 -8.59 -9.90
CA SER A 72 -26.34 -9.06 -8.54
C SER A 72 -25.09 -9.05 -7.67
N ILE A 73 -23.90 -9.01 -8.27
CA ILE A 73 -22.65 -9.06 -7.52
C ILE A 73 -22.42 -7.69 -6.89
N PRO A 74 -22.24 -7.59 -5.57
CA PRO A 74 -21.89 -6.30 -4.98
C PRO A 74 -20.58 -5.78 -5.55
N GLY A 75 -20.60 -4.53 -6.00
CA GLY A 75 -19.45 -3.92 -6.66
C GLY A 75 -19.55 -3.92 -8.16
N ILE A 76 -20.57 -4.57 -8.72
CA ILE A 76 -20.84 -4.57 -10.16
C ILE A 76 -22.19 -3.89 -10.36
N GLY A 77 -22.19 -2.78 -11.08
CA GLY A 77 -23.39 -2.09 -11.45
C GLY A 77 -23.74 -2.27 -12.92
N LYS A 78 -24.73 -1.50 -13.36
CA LYS A 78 -25.17 -1.59 -14.75
C LYS A 78 -24.00 -1.36 -15.69
N ARG A 79 -23.23 -0.29 -15.47
CA ARG A 79 -22.14 0.05 -16.40
C ARG A 79 -21.11 -1.06 -16.46
N MET A 80 -20.65 -1.55 -15.31
CA MET A 80 -19.67 -2.63 -15.30
C MET A 80 -20.27 -3.90 -15.87
N ALA A 81 -21.57 -4.16 -15.62
CA ALA A 81 -22.21 -5.32 -16.21
C ALA A 81 -22.20 -5.25 -17.74
N GLU A 82 -22.41 -4.07 -18.29
CA GLU A 82 -22.41 -3.90 -19.74
C GLU A 82 -21.03 -4.23 -20.32
N LYS A 83 -19.96 -3.87 -19.63
CA LYS A 83 -18.61 -4.18 -20.12
C LYS A 83 -18.34 -5.68 -20.04
N ILE A 84 -18.80 -6.31 -18.98
CA ILE A 84 -18.64 -7.76 -18.84
C ILE A 84 -19.31 -8.48 -20.01
N ILE A 85 -20.53 -8.06 -20.36
CA ILE A 85 -21.26 -8.73 -21.42
C ILE A 85 -20.62 -8.50 -22.78
N GLU A 86 -20.00 -7.32 -22.97
CA GLU A 86 -19.27 -7.09 -24.23
C GLU A 86 -18.09 -8.04 -24.35
N ILE A 87 -17.33 -8.23 -23.26
CA ILE A 87 -16.16 -9.09 -23.33
C ILE A 87 -16.60 -10.54 -23.54
N LEU A 88 -17.74 -10.93 -23.00
CA LEU A 88 -18.22 -12.31 -23.16
C LEU A 88 -18.53 -12.60 -24.62
N GLU A 89 -19.31 -11.73 -25.26
CA GLU A 89 -19.77 -12.00 -26.62
C GLU A 89 -18.66 -11.77 -27.64
N SER A 90 -17.98 -10.61 -27.55
CA SER A 90 -17.00 -10.22 -28.55
C SER A 90 -15.59 -10.71 -28.26
N GLY A 91 -15.28 -11.04 -27.01
CA GLY A 91 -13.94 -11.42 -26.63
C GLY A 91 -12.99 -10.26 -26.38
N HIS A 92 -13.46 -9.03 -26.50
CA HIS A 92 -12.61 -7.87 -26.24
C HIS A 92 -13.49 -6.73 -25.72
N LEU A 93 -12.82 -5.67 -25.27
CA LEU A 93 -13.49 -4.46 -24.78
C LEU A 93 -13.05 -3.30 -25.66
N ARG A 94 -14.00 -2.73 -26.40
CA ARG A 94 -13.66 -1.69 -27.36
C ARG A 94 -12.93 -0.52 -26.71
N LYS A 95 -13.33 -0.17 -25.48
CA LYS A 95 -12.76 1.03 -24.86
C LYS A 95 -11.24 0.93 -24.75
N LEU A 96 -10.70 -0.29 -24.72
CA LEU A 96 -9.26 -0.44 -24.55
C LEU A 96 -8.49 0.13 -25.74
N ASP A 97 -9.14 0.27 -26.89
CA ASP A 97 -8.57 0.89 -28.08
C ASP A 97 -8.80 2.39 -28.10
N HIS A 98 -9.40 2.95 -27.06
CA HIS A 98 -9.69 4.38 -26.99
C HIS A 98 -9.31 4.95 -25.64
N ILE A 99 -8.16 4.56 -25.16
CA ILE A 99 -7.54 5.14 -23.97
C ILE A 99 -6.69 6.32 -24.41
N SER A 100 -6.71 7.37 -23.60
N SER A 100 -6.70 7.38 -23.60
CA SER A 100 -5.92 8.57 -23.89
CA SER A 100 -5.92 8.57 -23.91
C SER A 100 -4.48 8.21 -24.20
C SER A 100 -4.48 8.20 -24.24
N GLU A 101 -3.94 8.84 -25.25
N GLU A 101 -3.93 8.88 -25.26
CA GLU A 101 -2.58 8.55 -25.68
CA GLU A 101 -2.57 8.59 -25.70
C GLU A 101 -1.54 8.96 -24.65
C GLU A 101 -1.54 8.97 -24.66
N SER A 102 -1.90 9.83 -23.71
CA SER A 102 -0.97 10.28 -22.68
C SER A 102 -0.70 9.22 -21.62
N VAL A 103 -1.49 8.15 -21.57
CA VAL A 103 -1.47 7.26 -20.41
C VAL A 103 -0.10 6.60 -20.20
N PRO A 104 0.54 6.02 -21.22
CA PRO A 104 1.85 5.39 -20.96
C PRO A 104 2.86 6.36 -20.35
N VAL A 105 2.89 7.62 -20.79
CA VAL A 105 3.84 8.59 -20.25
C VAL A 105 3.42 9.00 -18.85
N LEU A 106 2.12 9.19 -18.62
CA LEU A 106 1.67 9.53 -17.27
C LEU A 106 2.04 8.43 -16.28
N GLU A 107 1.93 7.17 -16.71
CA GLU A 107 2.35 6.06 -15.85
C GLU A 107 3.84 6.10 -15.59
N LEU A 108 4.64 6.34 -16.63
CA LEU A 108 6.09 6.45 -16.49
C LEU A 108 6.45 7.52 -15.45
N PHE A 109 5.84 8.70 -15.57
CA PHE A 109 6.15 9.83 -14.67
C PHE A 109 5.66 9.57 -13.24
N SER A 110 4.44 9.05 -13.08
CA SER A 110 3.91 8.90 -11.73
C SER A 110 4.51 7.71 -10.99
N ASN A 111 5.33 6.89 -11.67
CA ASN A 111 6.14 5.89 -10.98
C ASN A 111 7.41 6.48 -10.38
N ILE A 112 7.65 7.78 -10.56
CA ILE A 112 8.67 8.49 -9.79
C ILE A 112 8.12 8.72 -8.39
N TRP A 113 8.84 8.25 -7.38
CA TRP A 113 8.40 8.45 -6.00
C TRP A 113 8.36 9.93 -5.66
N GLY A 114 7.20 10.41 -5.22
CA GLY A 114 7.00 11.82 -4.92
C GLY A 114 6.30 12.59 -6.02
N ALA A 115 6.15 12.01 -7.21
CA ALA A 115 5.37 12.57 -8.29
C ALA A 115 4.07 11.76 -8.41
N GLY A 116 2.95 12.42 -8.20
CA GLY A 116 1.63 11.84 -8.39
C GLY A 116 1.00 12.31 -9.68
N THR A 117 -0.31 12.10 -9.78
N THR A 117 -0.31 12.12 -9.78
CA THR A 117 -1.04 12.41 -11.02
CA THR A 117 -1.00 12.41 -11.04
C THR A 117 -0.92 13.89 -11.37
C THR A 117 -0.93 13.90 -11.39
N LYS A 118 -1.01 14.79 -10.39
CA LYS A 118 -0.98 16.21 -10.69
C LYS A 118 0.37 16.62 -11.29
N THR A 119 1.46 16.12 -10.71
CA THR A 119 2.78 16.44 -11.24
C THR A 119 3.00 15.82 -12.61
N ALA A 120 2.58 14.56 -12.78
CA ALA A 120 2.76 13.90 -14.07
C ALA A 120 1.99 14.63 -15.16
N GLN A 121 0.74 15.04 -14.88
CA GLN A 121 -0.04 15.77 -15.86
C GLN A 121 0.63 17.10 -16.23
N MET A 122 1.20 17.79 -15.23
CA MET A 122 1.89 19.05 -15.51
C MET A 122 3.10 18.82 -16.41
N TRP A 123 3.93 17.84 -16.07
CA TRP A 123 5.07 17.52 -16.91
C TRP A 123 4.63 17.18 -18.33
N TYR A 124 3.55 16.40 -18.46
CA TYR A 124 3.05 16.06 -19.79
C TYR A 124 2.61 17.32 -20.54
N GLN A 125 1.88 18.21 -19.87
N GLN A 125 1.87 18.21 -19.87
CA GLN A 125 1.44 19.43 -20.55
CA GLN A 125 1.44 19.46 -20.50
C GLN A 125 2.63 20.30 -20.95
C GLN A 125 2.65 20.26 -20.95
N GLN A 126 3.71 20.28 -20.15
CA GLN A 126 4.92 21.02 -20.51
C GLN A 126 5.72 20.36 -21.62
N GLY A 127 5.29 19.22 -22.14
CA GLY A 127 5.87 18.60 -23.32
C GLY A 127 6.89 17.52 -23.04
N PHE A 128 7.10 17.18 -21.77
CA PHE A 128 8.01 16.10 -21.43
C PHE A 128 7.37 14.76 -21.73
N ARG A 129 8.18 13.83 -22.22
CA ARG A 129 7.70 12.53 -22.66
C ARG A 129 8.56 11.37 -22.18
N SER A 130 9.76 11.62 -21.65
CA SER A 130 10.66 10.56 -21.23
C SER A 130 11.34 10.97 -19.93
N LEU A 131 11.94 9.99 -19.26
CA LEU A 131 12.69 10.31 -18.05
C LEU A 131 13.94 11.13 -18.37
N GLU A 132 14.45 11.03 -19.60
CA GLU A 132 15.52 11.93 -20.01
C GLU A 132 15.04 13.37 -20.01
N ASP A 133 13.83 13.62 -20.50
CA ASP A 133 13.25 14.96 -20.43
C ASP A 133 13.12 15.42 -18.98
N ILE A 134 12.66 14.54 -18.09
CA ILE A 134 12.52 14.90 -16.69
C ILE A 134 13.88 15.24 -16.10
N ARG A 135 14.86 14.35 -16.29
CA ARG A 135 16.19 14.55 -15.73
C ARG A 135 16.77 15.89 -16.15
N SER A 136 16.67 16.21 -17.44
CA SER A 136 17.37 17.37 -17.98
C SER A 136 16.58 18.66 -17.88
N GLN A 137 15.25 18.62 -17.81
CA GLN A 137 14.44 19.84 -17.93
C GLN A 137 13.47 20.10 -16.79
N ALA A 138 13.09 19.11 -15.99
CA ALA A 138 12.07 19.33 -14.98
C ALA A 138 12.68 19.84 -13.67
N SER A 139 11.92 20.65 -12.96
N SER A 139 11.88 20.55 -12.89
N SER A 139 11.89 20.58 -12.90
CA SER A 139 12.22 21.02 -11.60
CA SER A 139 12.29 21.06 -11.57
CA SER A 139 12.29 21.05 -11.58
C SER A 139 11.74 19.89 -10.70
C SER A 139 11.78 20.08 -10.51
C SER A 139 11.77 20.06 -10.54
N LEU A 140 12.67 19.23 -10.01
CA LEU A 140 12.31 18.14 -9.12
C LEU A 140 12.38 18.57 -7.67
N THR A 141 11.43 18.09 -6.87
CA THR A 141 11.57 18.18 -5.44
C THR A 141 12.70 17.26 -4.97
N THR A 142 13.16 17.50 -3.74
CA THR A 142 14.18 16.64 -3.16
C THR A 142 13.75 15.18 -3.20
N GLN A 143 12.49 14.91 -2.87
CA GLN A 143 11.98 13.53 -2.91
C GLN A 143 12.01 12.99 -4.34
N GLN A 144 11.49 13.77 -5.29
CA GLN A 144 11.43 13.28 -6.67
C GLN A 144 12.81 13.02 -7.24
N ALA A 145 13.82 13.80 -6.85
CA ALA A 145 15.17 13.55 -7.33
C ALA A 145 15.67 12.19 -6.84
N ILE A 146 15.39 11.85 -5.59
CA ILE A 146 15.75 10.53 -5.07
C ILE A 146 14.93 9.45 -5.77
N GLY A 147 13.65 9.69 -5.99
CA GLY A 147 12.84 8.72 -6.72
C GLY A 147 13.37 8.44 -8.11
N LEU A 148 13.79 9.50 -8.82
CA LEU A 148 14.32 9.33 -10.16
C LEU A 148 15.64 8.58 -10.12
N LYS A 149 16.51 8.94 -9.17
CA LYS A 149 17.78 8.27 -9.00
C LYS A 149 17.61 6.77 -8.78
N HIS A 150 16.53 6.37 -8.12
CA HIS A 150 16.26 4.96 -7.82
C HIS A 150 15.07 4.43 -8.60
N TYR A 151 14.84 4.96 -9.80
CA TYR A 151 13.61 4.66 -10.53
C TYR A 151 13.44 3.15 -10.74
N SER A 152 14.44 2.48 -11.30
CA SER A 152 14.30 1.04 -11.53
C SER A 152 14.20 0.28 -10.22
N ASP A 153 15.07 0.59 -9.27
CA ASP A 153 15.09 -0.16 -8.03
C ASP A 153 13.77 -0.08 -7.26
N PHE A 154 13.10 1.08 -7.25
CA PHE A 154 11.85 1.18 -6.51
C PHE A 154 10.72 0.42 -7.22
N LEU A 155 10.88 0.08 -8.48
CA LEU A 155 9.88 -0.75 -9.16
C LEU A 155 10.13 -2.24 -8.99
N GLU A 156 11.26 -2.64 -8.41
CA GLU A 156 11.59 -4.04 -8.22
C GLU A 156 11.05 -4.51 -6.87
N ARG A 157 10.70 -5.79 -6.80
CA ARG A 157 10.40 -6.43 -5.53
C ARG A 157 11.60 -7.27 -5.13
N MET A 158 11.78 -7.38 -3.89
CA MET A 158 12.87 -8.15 -3.35
C MET A 158 12.41 -9.52 -2.86
N PRO A 159 13.28 -10.52 -2.81
N PRO A 159 13.28 -10.52 -2.81
CA PRO A 159 12.91 -11.80 -2.19
CA PRO A 159 12.89 -11.80 -2.20
C PRO A 159 12.63 -11.59 -0.71
C PRO A 159 12.64 -11.60 -0.71
N ARG A 160 11.67 -12.35 -0.18
CA ARG A 160 11.32 -12.16 1.23
C ARG A 160 12.52 -12.44 2.14
N GLU A 161 13.47 -13.27 1.69
CA GLU A 161 14.69 -13.48 2.50
C GLU A 161 15.50 -12.20 2.67
N GLU A 162 15.49 -11.33 1.67
CA GLU A 162 16.17 -10.04 1.79
C GLU A 162 15.42 -9.10 2.73
N ALA A 163 14.10 -9.14 2.67
CA ALA A 163 13.29 -8.40 3.61
C ALA A 163 13.58 -8.81 5.05
N THR A 164 13.77 -10.12 5.28
CA THR A 164 14.17 -10.58 6.59
C THR A 164 15.49 -9.96 7.02
N GLU A 165 16.49 -9.94 6.13
CA GLU A 165 17.78 -9.37 6.48
C GLU A 165 17.66 -7.89 6.83
N ILE A 166 16.82 -7.15 6.09
CA ILE A 166 16.64 -5.73 6.36
C ILE A 166 15.96 -5.53 7.70
N GLU A 167 14.90 -6.31 7.98
CA GLU A 167 14.24 -6.22 9.27
C GLU A 167 15.23 -6.50 10.40
N GLN A 168 16.05 -7.54 10.23
CA GLN A 168 17.03 -7.89 11.26
C GLN A 168 18.06 -6.79 11.45
N THR A 169 18.44 -6.09 10.38
CA THR A 169 19.37 -4.97 10.50
C THR A 169 18.77 -3.88 11.38
N VAL A 170 17.51 -3.51 11.11
CA VAL A 170 16.85 -2.51 11.93
C VAL A 170 16.69 -3.01 13.35
N GLN A 171 16.27 -4.27 13.51
CA GLN A 171 16.01 -4.80 14.85
C GLN A 171 17.28 -4.82 15.69
N LYS A 172 18.40 -5.25 15.10
CA LYS A 172 19.66 -5.29 15.85
C LYS A 172 20.09 -3.89 16.28
N ALA A 173 19.96 -2.91 15.40
CA ALA A 173 20.35 -1.55 15.76
C ALA A 173 19.45 -0.99 16.85
N ALA A 174 18.15 -1.29 16.77
CA ALA A 174 17.23 -0.81 17.80
C ALA A 174 17.50 -1.48 19.14
N GLN A 175 17.63 -2.81 19.14
CA GLN A 175 17.76 -3.53 20.40
C GLN A 175 19.14 -3.35 21.02
N ALA A 176 20.08 -2.74 20.28
CA ALA A 176 21.39 -2.45 20.84
C ALA A 176 21.33 -1.39 21.93
N PHE A 177 20.36 -0.48 21.88
CA PHE A 177 20.24 0.52 22.93
C PHE A 177 19.00 0.36 23.80
N ASN A 178 18.07 -0.52 23.44
CA ASN A 178 17.07 -0.99 24.40
C ASN A 178 16.67 -2.41 24.01
N SER A 179 17.12 -3.39 24.81
CA SER A 179 16.92 -4.80 24.49
C SER A 179 15.47 -5.23 24.55
N GLY A 180 14.59 -4.43 25.17
CA GLY A 180 13.18 -4.74 25.26
C GLY A 180 12.32 -4.25 24.12
N LEU A 181 12.89 -3.56 23.15
CA LEU A 181 12.11 -3.10 22.01
C LEU A 181 11.63 -4.29 21.18
N LEU A 182 10.39 -4.23 20.73
CA LEU A 182 9.81 -5.22 19.83
C LEU A 182 9.83 -4.64 18.41
N CYS A 183 10.31 -5.42 17.46
CA CYS A 183 10.38 -5.02 16.05
C CYS A 183 9.74 -6.12 15.22
N VAL A 184 8.77 -5.73 14.37
CA VAL A 184 8.03 -6.68 13.56
C VAL A 184 7.92 -6.13 12.14
N ALA A 185 8.27 -6.97 11.16
CA ALA A 185 8.06 -6.64 9.76
C ALA A 185 6.59 -6.88 9.42
N CYS A 186 5.94 -5.87 8.86
CA CYS A 186 4.52 -5.93 8.56
C CYS A 186 4.32 -5.97 7.04
N GLY A 187 3.33 -5.24 6.53
CA GLY A 187 3.05 -5.20 5.12
C GLY A 187 3.02 -6.58 4.48
N SER A 188 3.43 -6.61 3.21
CA SER A 188 3.38 -7.84 2.43
C SER A 188 4.22 -8.94 3.05
N TYR A 189 5.28 -8.58 3.77
CA TYR A 189 6.09 -9.61 4.45
C TYR A 189 5.24 -10.39 5.43
N ARG A 190 4.56 -9.69 6.34
CA ARG A 190 3.74 -10.36 7.33
C ARG A 190 2.57 -11.10 6.68
N ARG A 191 2.09 -10.64 5.53
CA ARG A 191 1.04 -11.37 4.82
C ARG A 191 1.58 -12.61 4.11
N GLY A 192 2.87 -12.92 4.23
CA GLY A 192 3.42 -14.15 3.72
C GLY A 192 3.84 -14.15 2.26
N LYS A 193 3.93 -13.00 1.62
CA LYS A 193 4.21 -12.98 0.18
C LYS A 193 5.66 -13.39 -0.07
N ALA A 194 5.88 -14.02 -1.23
CA ALA A 194 7.22 -14.48 -1.57
C ALA A 194 8.16 -13.33 -1.92
N THR A 195 7.62 -12.20 -2.35
CA THR A 195 8.42 -11.02 -2.66
C THR A 195 7.76 -9.79 -2.04
N CYS A 196 8.59 -8.77 -1.78
CA CYS A 196 8.14 -7.56 -1.10
C CYS A 196 8.63 -6.33 -1.85
N GLY A 197 7.73 -5.36 -2.04
CA GLY A 197 8.12 -4.12 -2.68
C GLY A 197 8.98 -3.24 -1.79
N ASP A 198 8.81 -3.36 -0.48
CA ASP A 198 9.63 -2.65 0.49
C ASP A 198 9.55 -3.43 1.79
N VAL A 199 10.19 -2.90 2.83
CA VAL A 199 10.13 -3.48 4.16
C VAL A 199 9.48 -2.47 5.10
N ASP A 200 8.47 -2.95 5.82
CA ASP A 200 7.68 -2.14 6.73
C ASP A 200 7.95 -2.64 8.15
N VAL A 201 8.67 -1.84 8.94
CA VAL A 201 9.09 -2.26 10.26
C VAL A 201 8.33 -1.45 11.31
N LEU A 202 7.60 -2.15 12.17
N LEU A 202 7.61 -2.15 12.17
CA LEU A 202 6.92 -1.55 13.31
CA LEU A 202 6.92 -1.55 13.31
C LEU A 202 7.73 -1.80 14.56
C LEU A 202 7.74 -1.81 14.57
N ILE A 203 7.93 -0.75 15.36
CA ILE A 203 8.70 -0.82 16.60
C ILE A 203 7.87 -0.28 17.76
N THR A 204 7.89 -1.01 18.87
CA THR A 204 7.24 -0.55 20.08
C THR A 204 8.02 -1.09 21.27
N HIS A 205 7.51 -0.81 22.48
CA HIS A 205 8.12 -1.34 23.70
C HIS A 205 7.00 -1.72 24.67
N PRO A 206 7.02 -2.94 25.23
CA PRO A 206 5.91 -3.35 26.12
C PRO A 206 5.75 -2.50 27.38
N ASP A 207 6.75 -1.72 27.79
CA ASP A 207 6.60 -0.94 29.01
C ASP A 207 5.76 0.32 28.80
N GLY A 208 5.35 0.59 27.57
CA GLY A 208 4.47 1.69 27.29
C GLY A 208 5.13 3.04 27.19
N ARG A 209 6.43 3.12 27.41
CA ARG A 209 7.08 4.42 27.47
C ARG A 209 8.42 4.47 26.72
N SER A 210 9.19 3.40 26.67
CA SER A 210 10.55 3.46 26.17
C SER A 210 10.63 3.55 24.66
N HIS A 211 9.50 3.54 23.97
CA HIS A 211 9.49 3.83 22.53
C HIS A 211 9.81 5.29 22.24
N ARG A 212 9.66 6.17 23.22
CA ARG A 212 9.79 7.61 22.96
C ARG A 212 11.23 7.98 22.65
N GLY A 213 11.41 8.83 21.65
CA GLY A 213 12.70 9.40 21.32
C GLY A 213 13.68 8.47 20.62
N ILE A 214 13.28 7.25 20.28
CA ILE A 214 14.25 6.30 19.74
C ILE A 214 14.60 6.57 18.28
N PHE A 215 13.77 7.30 17.54
CA PHE A 215 14.05 7.51 16.12
C PHE A 215 15.42 8.16 15.93
N SER A 216 15.69 9.24 16.66
CA SER A 216 16.96 9.93 16.50
C SER A 216 18.13 8.96 16.64
N ARG A 217 18.14 8.19 17.74
CA ARG A 217 19.24 7.25 17.96
C ARG A 217 19.25 6.14 16.92
N LEU A 218 18.08 5.61 16.57
CA LEU A 218 18.02 4.50 15.62
C LEU A 218 18.50 4.92 14.24
N LEU A 219 18.00 6.05 13.75
CA LEU A 219 18.40 6.48 12.42
C LEU A 219 19.89 6.81 12.38
N ASP A 220 20.40 7.51 13.40
CA ASP A 220 21.83 7.81 13.42
C ASP A 220 22.66 6.53 13.47
N SER A 221 22.21 5.53 14.22
CA SER A 221 22.92 4.25 14.23
C SER A 221 22.93 3.60 12.85
N LEU A 222 21.77 3.59 12.19
CA LEU A 222 21.70 3.00 10.86
C LEU A 222 22.47 3.81 9.83
N ARG A 223 22.64 5.11 10.07
CA ARG A 223 23.46 5.92 9.18
C ARG A 223 24.94 5.64 9.42
N GLN A 224 25.33 5.43 10.67
CA GLN A 224 26.74 5.25 11.01
C GLN A 224 27.33 4.08 10.23
N GLU A 225 26.56 3.02 10.03
CA GLU A 225 27.02 1.85 9.30
C GLU A 225 26.73 1.93 7.80
N GLY A 226 26.30 3.10 7.32
CA GLY A 226 26.06 3.28 5.90
C GLY A 226 24.86 2.54 5.36
N PHE A 227 24.00 2.00 6.23
CA PHE A 227 22.87 1.20 5.78
C PHE A 227 21.81 2.05 5.12
N LEU A 228 21.50 3.21 5.70
CA LEU A 228 20.55 4.14 5.09
C LEU A 228 21.27 4.99 4.06
N THR A 229 20.73 5.02 2.84
CA THR A 229 21.35 5.74 1.74
C THR A 229 20.63 7.03 1.37
N ASP A 230 19.34 7.15 1.66
N ASP A 230 19.33 7.13 1.65
CA ASP A 230 18.60 8.35 1.32
CA ASP A 230 18.54 8.29 1.27
C ASP A 230 17.34 8.38 2.18
C ASP A 230 17.33 8.37 2.20
N ASP A 231 16.92 9.59 2.54
CA ASP A 231 15.71 9.81 3.33
C ASP A 231 14.65 10.44 2.44
N LEU A 232 13.45 9.87 2.45
CA LEU A 232 12.33 10.44 1.72
C LEU A 232 11.42 11.26 2.61
N VAL A 233 11.03 10.72 3.76
CA VAL A 233 10.23 11.43 4.74
C VAL A 233 10.80 11.13 6.11
N SER A 234 11.29 12.16 6.81
CA SER A 234 11.85 11.96 8.14
C SER A 234 11.89 13.31 8.85
N GLN A 235 10.88 13.55 9.69
CA GLN A 235 10.73 14.83 10.39
C GLN A 235 11.41 14.69 11.75
N GLU A 236 12.69 15.04 11.81
CA GLU A 236 13.53 14.76 12.97
C GLU A 236 13.76 15.98 13.86
N GLU A 237 13.07 17.08 13.60
CA GLU A 237 13.38 18.33 14.27
C GLU A 237 12.69 18.49 15.63
N ASN A 238 11.46 18.04 15.80
CA ASN A 238 10.72 18.34 17.03
C ASN A 238 10.50 17.14 17.95
N GLY A 239 11.01 15.96 17.62
CA GLY A 239 10.92 14.80 18.49
C GLY A 239 9.58 14.09 18.51
N GLN A 240 8.60 14.55 17.73
CA GLN A 240 7.30 13.92 17.66
C GLN A 240 7.16 12.97 16.47
N GLN A 241 8.27 12.68 15.80
CA GLN A 241 8.25 11.83 14.61
C GLN A 241 7.57 10.50 14.89
N GLN A 242 6.68 10.10 13.98
CA GLN A 242 6.00 8.81 14.04
C GLN A 242 6.45 7.83 12.97
N LYS A 243 6.87 8.32 11.81
CA LYS A 243 7.22 7.45 10.70
C LYS A 243 8.50 7.93 10.03
N TYR A 244 9.22 6.97 9.45
CA TYR A 244 10.37 7.22 8.60
C TYR A 244 10.13 6.50 7.29
N LEU A 245 10.37 7.18 6.18
CA LEU A 245 10.33 6.56 4.86
C LEU A 245 11.65 6.87 4.18
N GLY A 246 12.36 5.84 3.75
CA GLY A 246 13.66 6.06 3.17
C GLY A 246 14.15 4.90 2.34
N VAL A 247 15.47 4.85 2.20
CA VAL A 247 16.14 3.94 1.29
C VAL A 247 17.33 3.33 2.01
N CYS A 248 17.52 2.03 1.82
CA CYS A 248 18.63 1.32 2.44
C CYS A 248 19.26 0.40 1.41
N ARG A 249 20.42 -0.14 1.77
CA ARG A 249 21.09 -1.13 0.93
C ARG A 249 21.97 -1.97 1.83
N LEU A 250 21.81 -3.28 1.74
CA LEU A 250 22.64 -4.18 2.51
C LEU A 250 24.08 -4.16 1.98
N PRO A 251 25.05 -4.55 2.81
N PRO A 251 25.05 -4.53 2.82
CA PRO A 251 26.44 -4.55 2.35
CA PRO A 251 26.44 -4.55 2.35
C PRO A 251 26.74 -5.69 1.40
C PRO A 251 26.70 -5.65 1.34
N GLY A 252 27.78 -5.48 0.59
CA GLY A 252 28.27 -6.49 -0.30
C GLY A 252 27.89 -6.30 -1.75
N PRO A 253 28.35 -7.21 -2.61
CA PRO A 253 28.03 -7.13 -4.03
C PRO A 253 26.63 -7.64 -4.32
N GLY A 254 26.13 -7.26 -5.49
CA GLY A 254 24.83 -7.74 -5.94
C GLY A 254 23.65 -7.20 -5.17
N ARG A 255 23.82 -6.09 -4.46
CA ARG A 255 22.75 -5.50 -3.67
C ARG A 255 22.13 -4.31 -4.38
N ARG A 256 20.81 -4.20 -4.27
CA ARG A 256 20.04 -3.09 -4.80
C ARG A 256 19.59 -2.20 -3.65
N HIS A 257 19.30 -0.95 -3.99
CA HIS A 257 18.65 -0.06 -3.04
C HIS A 257 17.21 -0.50 -2.83
N ARG A 258 16.78 -0.53 -1.57
CA ARG A 258 15.48 -1.00 -1.19
C ARG A 258 14.76 0.05 -0.36
N ARG A 259 13.45 0.14 -0.56
CA ARG A 259 12.63 1.03 0.23
C ARG A 259 12.39 0.46 1.62
N LEU A 260 12.50 1.34 2.62
CA LEU A 260 12.35 0.97 4.03
C LEU A 260 11.43 1.99 4.69
N ASP A 261 10.36 1.50 5.30
CA ASP A 261 9.44 2.30 6.10
C ASP A 261 9.51 1.82 7.55
N ILE A 262 9.63 2.76 8.49
CA ILE A 262 9.63 2.45 9.92
C ILE A 262 8.58 3.31 10.61
N ILE A 263 7.82 2.69 11.51
N ILE A 263 7.86 2.70 11.55
CA ILE A 263 6.92 3.42 12.39
CA ILE A 263 6.90 3.40 12.38
C ILE A 263 7.22 3.00 13.82
C ILE A 263 7.15 2.98 13.83
N VAL A 264 7.22 3.97 14.72
CA VAL A 264 7.41 3.72 16.15
C VAL A 264 6.12 4.12 16.86
N VAL A 265 5.57 3.20 17.65
CA VAL A 265 4.26 3.43 18.25
C VAL A 265 4.24 3.08 19.74
N PRO A 266 3.38 3.73 20.52
CA PRO A 266 3.19 3.31 21.91
C PRO A 266 2.52 1.95 21.97
N TYR A 267 2.86 1.19 23.02
CA TYR A 267 2.37 -0.17 23.14
C TYR A 267 0.84 -0.22 23.20
N SER A 268 0.22 0.80 23.78
CA SER A 268 -1.23 0.80 23.88
C SER A 268 -1.90 0.84 22.51
N GLU A 269 -1.17 1.23 21.47
CA GLU A 269 -1.69 1.28 20.12
C GLU A 269 -1.17 0.13 19.25
N PHE A 270 -0.53 -0.86 19.87
CA PHE A 270 0.20 -1.89 19.12
C PHE A 270 -0.72 -2.66 18.19
N ALA A 271 -1.86 -3.13 18.69
CA ALA A 271 -2.76 -3.95 17.88
C ALA A 271 -3.27 -3.17 16.67
N CYS A 272 -3.68 -1.92 16.87
CA CYS A 272 -4.20 -1.13 15.75
C CYS A 272 -3.09 -0.76 14.76
N ALA A 273 -1.89 -0.49 15.27
CA ALA A 273 -0.78 -0.17 14.36
C ALA A 273 -0.37 -1.41 13.56
N LEU A 274 -0.40 -2.59 14.19
CA LEU A 274 -0.06 -3.83 13.52
C LEU A 274 -1.08 -4.14 12.45
N LEU A 275 -2.35 -3.94 12.75
CA LEU A 275 -3.40 -4.15 11.77
C LEU A 275 -3.23 -3.21 10.58
N TYR A 276 -3.05 -1.91 10.87
CA TYR A 276 -2.84 -0.96 9.80
C TYR A 276 -1.64 -1.36 8.92
N PHE A 277 -0.48 -1.54 9.54
CA PHE A 277 0.75 -1.69 8.78
C PHE A 277 0.84 -3.06 8.10
N THR A 278 0.01 -4.01 8.50
CA THR A 278 -0.03 -5.29 7.81
C THR A 278 -0.94 -5.26 6.60
N GLY A 279 -1.99 -4.45 6.61
CA GLY A 279 -2.80 -4.33 5.41
C GLY A 279 -3.53 -5.62 5.06
N SER A 280 -3.82 -5.82 3.77
CA SER A 280 -3.45 -4.92 2.66
C SER A 280 -4.14 -3.57 2.71
N ALA A 281 -3.77 -2.68 1.78
CA ALA A 281 -4.40 -1.37 1.72
C ALA A 281 -5.90 -1.50 1.51
N HIS A 282 -6.33 -2.33 0.57
CA HIS A 282 -7.77 -2.45 0.32
C HIS A 282 -8.46 -3.19 1.45
N PHE A 283 -7.76 -4.11 2.11
CA PHE A 283 -8.31 -4.69 3.33
C PHE A 283 -8.59 -3.61 4.38
N ASN A 284 -7.59 -2.74 4.61
CA ASN A 284 -7.76 -1.66 5.59
C ASN A 284 -8.93 -0.75 5.21
N ARG A 285 -9.00 -0.34 3.95
CA ARG A 285 -10.07 0.56 3.53
C ARG A 285 -11.43 -0.09 3.72
N SER A 286 -11.52 -1.41 3.48
CA SER A 286 -12.78 -2.11 3.70
C SER A 286 -13.13 -2.14 5.17
N MET A 287 -12.17 -2.49 6.03
CA MET A 287 -12.44 -2.54 7.46
C MET A 287 -12.79 -1.16 8.01
N ARG A 288 -12.13 -0.13 7.50
CA ARG A 288 -12.40 1.22 7.99
C ARG A 288 -13.76 1.72 7.54
N ALA A 289 -14.17 1.37 6.32
CA ALA A 289 -15.51 1.71 5.87
C ALA A 289 -16.56 1.01 6.72
N LEU A 290 -16.34 -0.29 7.01
CA LEU A 290 -17.26 -1.04 7.86
C LEU A 290 -17.38 -0.39 9.23
N ALA A 291 -16.25 0.01 9.82
CA ALA A 291 -16.29 0.65 11.13
C ALA A 291 -17.19 1.88 11.11
N LYS A 292 -17.12 2.67 10.04
CA LYS A 292 -17.93 3.87 9.92
C LYS A 292 -19.42 3.53 9.98
N THR A 293 -19.83 2.45 9.32
CA THR A 293 -21.22 2.05 9.35
C THR A 293 -21.69 1.69 10.76
N LYS A 294 -20.77 1.29 11.63
CA LYS A 294 -21.12 0.90 12.99
C LYS A 294 -20.91 2.04 13.98
N GLY A 295 -20.77 3.27 13.50
CA GLY A 295 -20.55 4.39 14.39
C GLY A 295 -19.18 4.42 15.01
N MET A 296 -18.18 3.89 14.32
CA MET A 296 -16.82 3.83 14.83
C MET A 296 -15.86 4.40 13.80
N SER A 297 -14.62 4.63 14.24
CA SER A 297 -13.55 5.09 13.35
C SER A 297 -12.30 4.29 13.69
N LEU A 298 -11.67 3.72 12.68
CA LEU A 298 -10.49 2.88 12.85
C LEU A 298 -9.29 3.56 12.20
N SER A 299 -8.23 3.75 12.98
CA SER A 299 -6.96 4.27 12.49
C SER A 299 -5.83 3.41 13.03
N GLU A 300 -4.60 3.75 12.65
CA GLU A 300 -3.44 3.05 13.22
C GLU A 300 -3.26 3.31 14.71
N HIS A 301 -3.96 4.32 15.26
CA HIS A 301 -3.88 4.63 16.68
C HIS A 301 -4.92 3.88 17.50
N ALA A 302 -6.15 3.74 17.00
CA ALA A 302 -7.22 3.25 17.86
C ALA A 302 -8.46 2.94 17.04
N LEU A 303 -9.28 2.06 17.60
CA LEU A 303 -10.68 1.92 17.23
C LEU A 303 -11.50 2.73 18.22
N SER A 304 -12.19 3.75 17.72
N SER A 304 -12.17 3.76 17.73
CA SER A 304 -12.88 4.70 18.58
CA SER A 304 -12.90 4.71 18.56
C SER A 304 -14.31 4.91 18.11
C SER A 304 -14.36 4.72 18.17
N THR A 305 -15.18 5.31 19.05
CA THR A 305 -16.56 5.60 18.72
C THR A 305 -16.65 7.00 18.13
N ALA A 306 -17.80 7.27 17.50
CA ALA A 306 -17.95 8.52 16.75
C ALA A 306 -17.79 9.73 17.67
N VAL A 307 -17.30 10.82 17.09
CA VAL A 307 -16.99 12.02 17.86
C VAL A 307 -18.27 12.71 18.31
N VAL A 308 -18.12 13.58 19.32
CA VAL A 308 -19.22 14.37 19.84
C VAL A 308 -19.38 15.64 19.02
N GLY A 319 -14.70 11.04 20.85
CA GLY A 319 -15.24 9.72 21.07
C GLY A 319 -14.54 8.93 22.17
N ARG A 320 -14.98 7.70 22.38
CA ARG A 320 -14.34 6.78 23.32
C ARG A 320 -13.38 5.87 22.56
N VAL A 321 -12.26 5.53 23.18
CA VAL A 321 -11.31 4.59 22.61
C VAL A 321 -11.68 3.20 23.11
N LEU A 322 -11.95 2.27 22.18
CA LEU A 322 -12.32 0.93 22.58
C LEU A 322 -11.07 0.11 22.93
N PRO A 323 -11.20 -0.87 23.82
CA PRO A 323 -10.03 -1.66 24.22
C PRO A 323 -9.69 -2.69 23.16
N THR A 324 -8.46 -2.61 22.63
CA THR A 324 -8.01 -3.52 21.56
C THR A 324 -6.60 -3.98 21.87
N PRO A 325 -6.44 -4.86 22.86
N PRO A 325 -6.44 -4.88 22.86
CA PRO A 325 -5.10 -5.39 23.17
CA PRO A 325 -5.09 -5.37 23.17
C PRO A 325 -4.50 -6.20 22.03
C PRO A 325 -4.50 -6.27 22.09
N THR A 326 -5.33 -6.88 21.23
CA THR A 326 -4.86 -7.74 20.17
C THR A 326 -5.64 -7.45 18.89
N GLU A 327 -5.06 -7.83 17.75
CA GLU A 327 -5.78 -7.70 16.48
C GLU A 327 -7.15 -8.37 16.55
N LYS A 328 -7.23 -9.52 17.21
CA LYS A 328 -8.50 -10.24 17.29
C LYS A 328 -9.61 -9.39 17.88
N ASP A 329 -9.27 -8.50 18.82
CA ASP A 329 -10.28 -7.67 19.44
C ASP A 329 -10.86 -6.65 18.47
N VAL A 330 -10.06 -6.15 17.53
CA VAL A 330 -10.60 -5.24 16.53
C VAL A 330 -11.60 -5.97 15.65
N PHE A 331 -11.21 -7.15 15.15
CA PHE A 331 -12.15 -7.98 14.39
C PHE A 331 -13.44 -8.21 15.19
N ARG A 332 -13.29 -8.59 16.45
CA ARG A 332 -14.45 -8.94 17.26
C ARG A 332 -15.38 -7.76 17.44
N LEU A 333 -14.82 -6.59 17.77
CA LEU A 333 -15.64 -5.41 17.98
C LEU A 333 -16.35 -4.96 16.71
N LEU A 334 -15.84 -5.34 15.53
CA LEU A 334 -16.49 -5.01 14.27
C LEU A 334 -17.38 -6.14 13.75
N GLY A 335 -17.54 -7.21 14.52
CA GLY A 335 -18.40 -8.31 14.11
C GLY A 335 -17.84 -9.16 13.00
N LEU A 336 -16.52 -9.15 12.82
CA LEU A 336 -15.84 -9.86 11.74
C LEU A 336 -15.19 -11.14 12.25
N PRO A 337 -15.22 -12.22 11.50
CA PRO A 337 -14.37 -13.36 11.84
C PRO A 337 -12.91 -12.99 11.67
N TYR A 338 -12.07 -13.52 12.55
CA TYR A 338 -10.65 -13.20 12.48
C TYR A 338 -10.05 -13.74 11.19
N ARG A 339 -9.12 -12.97 10.62
CA ARG A 339 -8.34 -13.38 9.45
C ARG A 339 -6.86 -13.29 9.82
N GLU A 340 -6.11 -14.37 9.61
CA GLU A 340 -4.66 -14.26 9.74
C GLU A 340 -4.13 -13.36 8.65
N PRO A 341 -2.92 -12.81 8.82
CA PRO A 341 -2.42 -11.84 7.84
C PRO A 341 -2.47 -12.32 6.40
N ALA A 342 -2.16 -13.59 6.16
CA ALA A 342 -2.15 -14.09 4.79
C ALA A 342 -3.53 -14.03 4.14
N GLU A 343 -4.61 -14.00 4.93
CA GLU A 343 -5.95 -13.94 4.37
C GLU A 343 -6.48 -12.51 4.29
N ARG A 344 -5.64 -11.51 4.49
CA ARG A 344 -5.99 -10.10 4.34
C ARG A 344 -5.43 -9.50 3.06
N ASP A 345 -5.04 -10.34 2.10
CA ASP A 345 -4.29 -9.88 0.93
C ASP A 345 -5.23 -9.47 -0.21
N TRP A 346 -6.06 -8.48 0.10
CA TRP A 346 -7.02 -7.99 -0.87
C TRP A 346 -6.45 -6.91 -1.76
#